data_7L4V
#
_entry.id   7L4V
#
_cell.length_a   101.452
_cell.length_b   113.144
_cell.length_c   75.740
_cell.angle_alpha   90.000
_cell.angle_beta   90.000
_cell.angle_gamma   90.000
#
_symmetry.space_group_name_H-M   'C 2 2 21'
#
loop_
_entity.id
_entity.type
_entity.pdbx_description
1 polymer 'CCAAT/enhancer-binding protein beta'
2 polymer 'DNA Strand 1'
3 polymer 'DNA Strand 2'
4 non-polymer 1,2-ETHANEDIOL
5 water water
#
loop_
_entity_poly.entity_id
_entity_poly.type
_entity_poly.pdbx_seq_one_letter_code
_entity_poly.pdbx_strand_id
1 'polypeptide(L)' HMKHSDEYKIRRERNNIAVRKSRDKAKMRNLETQHKVLELTAENERLQKKVEQLSRELSTLRNLFKQLPEPLLASSGH A,B
2 'polydeoxyribonucleotide' (DA)(DG)(DG)(DA)(DT)(DT)(DG)(DT)(DG)(DC)(DA)(DA)(DT)(DA)(DT)(DA) C
3 'polydeoxyribonucleotide' (DA)(DT)(DA)(DT)(DT)(DG)(DC)(DG)(DC)(DA)(DA)(DT)(DC)(DC)(DT)(DT) D
#
loop_
_chem_comp.id
_chem_comp.type
_chem_comp.name
_chem_comp.formula
DA DNA linking 2'-DEOXYADENOSINE-5'-MONOPHOSPHATE 'C10 H14 N5 O6 P'
DC DNA linking 2'-DEOXYCYTIDINE-5'-MONOPHOSPHATE 'C9 H14 N3 O7 P'
DG DNA linking 2'-DEOXYGUANOSINE-5'-MONOPHOSPHATE 'C10 H14 N5 O7 P'
DT DNA linking THYMIDINE-5'-MONOPHOSPHATE 'C10 H15 N2 O8 P'
EDO non-polymer 1,2-ETHANEDIOL 'C2 H6 O2'
#
# COMPACT_ATOMS: atom_id res chain seq x y z
N MET A 2 35.86 15.92 -19.85
CA MET A 2 35.93 16.13 -21.29
C MET A 2 34.65 15.65 -21.97
N LYS A 3 34.72 15.50 -23.30
CA LYS A 3 33.64 14.89 -24.07
C LYS A 3 34.13 13.95 -25.15
N HIS A 4 35.43 13.85 -25.41
CA HIS A 4 35.96 13.09 -26.54
C HIS A 4 36.72 11.83 -26.16
N SER A 5 37.33 11.80 -24.98
CA SER A 5 38.17 10.66 -24.61
C SER A 5 37.36 9.39 -24.46
N ASP A 6 37.99 8.26 -24.77
CA ASP A 6 37.32 6.97 -24.68
C ASP A 6 37.01 6.59 -23.23
N GLU A 7 37.88 6.97 -22.29
CA GLU A 7 37.58 6.75 -20.88
C GLU A 7 36.30 7.48 -20.48
N TYR A 8 36.09 8.67 -21.04
CA TYR A 8 34.86 9.42 -20.74
C TYR A 8 33.64 8.75 -21.36
N LYS A 9 33.74 8.35 -22.63
CA LYS A 9 32.59 7.74 -23.30
C LYS A 9 32.17 6.45 -22.62
N ILE A 10 33.14 5.65 -22.16
CA ILE A 10 32.83 4.42 -21.45
C ILE A 10 32.22 4.72 -20.10
N ARG A 11 32.73 5.73 -19.40
CA ARG A 11 32.17 6.09 -18.10
C ARG A 11 30.73 6.55 -18.23
N ARG A 12 30.42 7.33 -19.28
CA ARG A 12 29.04 7.76 -19.52
C ARG A 12 28.14 6.58 -19.84
N GLU A 13 28.60 5.68 -20.72
CA GLU A 13 27.78 4.53 -21.08
C GLU A 13 27.43 3.70 -19.86
N ARG A 14 28.42 3.46 -19.00
CA ARG A 14 28.17 2.67 -17.81
C ARG A 14 27.29 3.42 -16.82
N ASN A 15 27.52 4.74 -16.65
CA ASN A 15 26.69 5.47 -15.71
C ASN A 15 25.25 5.56 -16.18
N ASN A 16 25.01 5.72 -17.48
CA ASN A 16 23.64 5.78 -17.96
C ASN A 16 22.89 4.49 -17.65
N ILE A 17 23.57 3.35 -17.78
CA ILE A 17 22.99 2.06 -17.39
C ILE A 17 22.65 2.07 -15.90
N ALA A 18 23.60 2.50 -15.07
CA ALA A 18 23.38 2.47 -13.62
C ALA A 18 22.30 3.46 -13.19
N VAL A 19 22.26 4.63 -13.81
CA VAL A 19 21.24 5.64 -13.45
C VAL A 19 19.86 5.12 -13.77
N ARG A 20 19.68 4.55 -14.97
CA ARG A 20 18.40 3.96 -15.32
C ARG A 20 18.04 2.80 -14.39
N LYS A 21 19.01 1.95 -14.05
CA LYS A 21 18.75 0.86 -13.12
C LYS A 21 18.32 1.39 -11.76
N SER A 22 19.00 2.42 -11.27
CA SER A 22 18.65 2.99 -9.97
C SER A 22 17.25 3.61 -10.00
N ARG A 23 16.91 4.32 -11.07
CA ARG A 23 15.61 4.98 -11.15
C ARG A 23 14.49 3.97 -11.33
N ASP A 24 14.73 2.90 -12.09
CA ASP A 24 13.75 1.83 -12.20
C ASP A 24 13.46 1.22 -10.84
N LYS A 25 14.52 0.96 -10.07
CA LYS A 25 14.37 0.35 -8.74
C LYS A 25 13.57 1.24 -7.82
N ALA A 26 13.84 2.55 -7.84
CA ALA A 26 13.08 3.49 -7.03
C ALA A 26 11.61 3.50 -7.44
N LYS A 27 11.34 3.51 -8.75
CA LYS A 27 9.96 3.47 -9.23
C LYS A 27 9.26 2.18 -8.80
N MET A 28 9.96 1.05 -8.87
CA MET A 28 9.36 -0.22 -8.47
C MET A 28 8.99 -0.22 -6.99
N ARG A 29 9.87 0.30 -6.13
CA ARG A 29 9.57 0.37 -4.71
C ARG A 29 8.35 1.25 -4.45
N ASN A 30 8.24 2.38 -5.15
CA ASN A 30 7.08 3.24 -5.00
C ASN A 30 5.80 2.50 -5.40
N LEU A 31 5.83 1.77 -6.52
CA LEU A 31 4.65 1.01 -6.93
C LEU A 31 4.32 -0.09 -5.92
N GLU A 32 5.34 -0.72 -5.32
CA GLU A 32 5.09 -1.77 -4.35
C GLU A 32 4.34 -1.24 -3.15
N THR A 33 4.72 -0.04 -2.68
CA THR A 33 4.00 0.58 -1.56
C THR A 33 2.55 0.84 -1.94
N GLN A 34 2.29 1.31 -3.16
CA GLN A 34 0.93 1.54 -3.61
C GLN A 34 0.13 0.24 -3.63
N HIS A 35 0.73 -0.84 -4.14
CA HIS A 35 0.05 -2.14 -4.17
C HIS A 35 -0.27 -2.62 -2.76
N LYS A 36 0.66 -2.44 -1.83
CA LYS A 36 0.43 -2.86 -0.45
C LYS A 36 -0.81 -2.20 0.14
N VAL A 37 -1.04 -0.93 -0.20
CA VAL A 37 -2.24 -0.24 0.28
C VAL A 37 -3.50 -0.90 -0.28
N LEU A 38 -3.48 -1.25 -1.57
CA LEU A 38 -4.61 -1.95 -2.16
C LEU A 38 -4.82 -3.31 -1.51
N GLU A 39 -3.74 -4.05 -1.27
CA GLU A 39 -3.84 -5.38 -0.68
C GLU A 39 -4.41 -5.33 0.73
N LEU A 40 -3.87 -4.42 1.57
CA LEU A 40 -4.35 -4.32 2.94
C LEU A 40 -5.79 -3.84 3.01
N THR A 41 -6.17 -2.93 2.11
CA THR A 41 -7.54 -2.41 2.10
C THR A 41 -8.54 -3.53 1.82
N ALA A 42 -8.25 -4.38 0.83
CA ALA A 42 -9.11 -5.51 0.53
C ALA A 42 -9.13 -6.52 1.67
N GLU A 43 -7.98 -6.75 2.29
CA GLU A 43 -7.92 -7.73 3.38
C GLU A 43 -8.67 -7.22 4.61
N ASN A 44 -8.52 -5.95 4.95
CA ASN A 44 -9.28 -5.40 6.07
C ASN A 44 -10.77 -5.44 5.79
N GLU A 45 -11.17 -5.24 4.54
CA GLU A 45 -12.58 -5.38 4.17
C GLU A 45 -13.06 -6.82 4.35
N ARG A 46 -12.23 -7.80 3.97
CA ARG A 46 -12.60 -9.20 4.15
C ARG A 46 -12.71 -9.56 5.63
N LEU A 47 -11.75 -9.11 6.45
CA LEU A 47 -11.78 -9.41 7.88
C LEU A 47 -12.98 -8.77 8.56
N GLN A 48 -13.33 -7.54 8.16
CA GLN A 48 -14.51 -6.91 8.74
C GLN A 48 -15.78 -7.68 8.41
N LYS A 49 -15.88 -8.19 7.18
CA LYS A 49 -17.03 -9.02 6.82
C LYS A 49 -17.04 -10.30 7.64
N LYS A 50 -15.87 -10.86 7.93
CA LYS A 50 -15.81 -12.05 8.76
C LYS A 50 -16.25 -11.76 10.19
N VAL A 51 -15.85 -10.62 10.72
CA VAL A 51 -16.32 -10.20 12.05
C VAL A 51 -17.84 -10.17 12.07
N GLU A 52 -18.44 -9.55 11.06
CA GLU A 52 -19.90 -9.44 11.01
C GLU A 52 -20.54 -10.81 10.90
N GLN A 53 -19.95 -11.71 10.12
CA GLN A 53 -20.50 -13.06 9.97
C GLN A 53 -20.42 -13.85 11.27
N LEU A 54 -19.26 -13.81 11.93
CA LEU A 54 -19.12 -14.52 13.20
C LEU A 54 -20.08 -13.96 14.25
N SER A 55 -20.29 -12.65 14.23
CA SER A 55 -21.25 -12.05 15.14
C SER A 55 -22.67 -12.54 14.86
N ARG A 56 -23.04 -12.67 13.59
CA ARG A 56 -24.36 -13.18 13.27
C ARG A 56 -24.53 -14.63 13.72
N GLU A 57 -23.50 -15.47 13.51
CA GLU A 57 -23.60 -16.86 13.94
C GLU A 57 -23.70 -16.97 15.45
N LEU A 58 -22.93 -16.15 16.19
CA LEU A 58 -23.01 -16.15 17.65
C LEU A 58 -24.39 -15.71 18.11
N SER A 59 -24.95 -14.68 17.48
CA SER A 59 -26.30 -14.23 17.84
C SER A 59 -27.33 -15.31 17.57
N THR A 60 -27.23 -15.98 16.43
CA THR A 60 -28.17 -17.05 16.10
C THR A 60 -28.08 -18.19 17.11
N LEU A 61 -26.86 -18.59 17.48
CA LEU A 61 -26.70 -19.65 18.47
C LEU A 61 -27.28 -19.24 19.81
N ARG A 62 -26.99 -18.03 20.26
CA ARG A 62 -27.46 -17.62 21.58
C ARG A 62 -28.98 -17.49 21.62
N ASN A 63 -29.62 -17.24 20.49
CA ASN A 63 -31.07 -17.22 20.46
C ASN A 63 -31.70 -18.57 20.79
N LEU A 64 -30.96 -19.67 20.60
CA LEU A 64 -31.50 -20.98 20.93
C LEU A 64 -31.80 -21.13 22.41
N PHE A 65 -31.18 -20.30 23.27
CA PHE A 65 -31.45 -20.39 24.70
C PHE A 65 -32.89 -20.02 25.03
N LYS A 66 -33.48 -19.10 24.28
CA LYS A 66 -34.89 -18.77 24.50
C LYS A 66 -35.79 -19.96 24.20
N GLN A 67 -35.51 -20.69 23.12
CA GLN A 67 -36.31 -21.84 22.72
C GLN A 67 -35.59 -23.16 22.99
N MET B 2 15.25 29.40 -32.30
CA MET B 2 16.46 28.70 -31.91
C MET B 2 16.43 28.31 -30.44
N LYS B 3 17.55 27.79 -29.94
CA LYS B 3 17.70 27.44 -28.53
C LYS B 3 18.26 28.59 -27.70
N HIS B 4 18.42 29.77 -28.30
CA HIS B 4 18.83 30.96 -27.58
C HIS B 4 17.74 32.04 -27.56
N SER B 5 16.60 31.78 -28.19
CA SER B 5 15.53 32.77 -28.27
C SER B 5 14.90 32.98 -26.90
N ASP B 6 14.21 34.12 -26.76
CA ASP B 6 13.49 34.40 -25.52
C ASP B 6 12.37 33.39 -25.30
N GLU B 7 11.70 32.96 -26.37
CA GLU B 7 10.62 31.98 -26.22
C GLU B 7 11.14 30.66 -25.66
N TYR B 8 12.32 30.21 -26.11
CA TYR B 8 12.90 28.99 -25.57
C TYR B 8 13.22 29.13 -24.09
N LYS B 9 13.84 30.26 -23.72
CA LYS B 9 14.22 30.46 -22.32
C LYS B 9 12.99 30.50 -21.42
N ILE B 10 11.92 31.16 -21.87
CA ILE B 10 10.70 31.23 -21.07
C ILE B 10 10.07 29.85 -20.93
N ARG B 11 10.00 29.09 -22.03
CA ARG B 11 9.40 27.77 -21.95
C ARG B 11 10.16 26.87 -20.98
N ARG B 12 11.50 26.88 -21.05
CA ARG B 12 12.28 26.01 -20.19
C ARG B 12 12.19 26.44 -18.72
N GLU B 13 12.25 27.75 -18.45
CA GLU B 13 12.15 28.20 -17.07
C GLU B 13 10.80 27.81 -16.46
N ARG B 14 9.72 27.99 -17.22
CA ARG B 14 8.40 27.57 -16.74
C ARG B 14 8.34 26.07 -16.53
N ASN B 15 8.88 25.30 -17.47
CA ASN B 15 8.82 23.85 -17.33
C ASN B 15 9.63 23.38 -16.12
N ASN B 16 10.80 23.99 -15.88
CA ASN B 16 11.61 23.55 -14.73
C ASN B 16 10.86 23.76 -13.43
N ILE B 17 10.11 24.86 -13.33
CA ILE B 17 9.24 25.07 -12.16
C ILE B 17 8.20 23.97 -12.07
N ALA B 18 7.56 23.64 -13.21
CA ALA B 18 6.53 22.62 -13.23
C ALA B 18 7.09 21.26 -12.85
N VAL B 19 8.31 20.95 -13.32
CA VAL B 19 8.93 19.67 -13.00
C VAL B 19 9.18 19.54 -11.50
N ARG B 20 9.73 20.58 -10.86
CA ARG B 20 9.93 20.50 -9.42
C ARG B 20 8.60 20.37 -8.68
N LYS B 21 7.58 21.10 -9.12
CA LYS B 21 6.28 21.01 -8.46
C LYS B 21 5.71 19.60 -8.56
N SER B 22 5.78 19.02 -9.75
CA SER B 22 5.24 17.69 -10.00
C SER B 22 5.98 16.63 -9.19
N ARG B 23 7.31 16.72 -9.13
CA ARG B 23 8.09 15.72 -8.41
CA ARG B 23 8.06 15.70 -8.42
C ARG B 23 7.96 15.87 -6.91
N ASP B 24 7.83 17.12 -6.43
CA ASP B 24 7.54 17.32 -5.01
C ASP B 24 6.23 16.65 -4.62
N LYS B 25 5.19 16.87 -5.42
CA LYS B 25 3.88 16.29 -5.10
C LYS B 25 3.95 14.77 -5.13
N ALA B 26 4.66 14.20 -6.11
CA ALA B 26 4.79 12.75 -6.18
C ALA B 26 5.52 12.20 -4.96
N LYS B 27 6.56 12.90 -4.51
CA LYS B 27 7.26 12.44 -3.31
C LYS B 27 6.37 12.54 -2.09
N MET B 28 5.55 13.58 -2.01
CA MET B 28 4.61 13.72 -0.90
C MET B 28 3.57 12.60 -0.94
N ARG B 29 3.05 12.27 -2.13
CA ARG B 29 2.10 11.16 -2.23
C ARG B 29 2.72 9.87 -1.74
N ASN B 30 3.97 9.61 -2.12
CA ASN B 30 4.66 8.41 -1.65
C ASN B 30 4.78 8.41 -0.12
N LEU B 31 5.06 9.58 0.46
CA LEU B 31 5.11 9.69 1.91
C LEU B 31 3.75 9.37 2.53
N GLU B 32 2.68 9.91 1.94
CA GLU B 32 1.34 9.63 2.46
C GLU B 32 1.00 8.15 2.32
N THR B 33 1.40 7.54 1.20
CA THR B 33 1.11 6.12 0.99
C THR B 33 1.82 5.27 2.02
N GLN B 34 3.07 5.60 2.36
CA GLN B 34 3.78 4.86 3.39
C GLN B 34 3.10 4.99 4.74
N HIS B 35 2.61 6.20 5.07
CA HIS B 35 1.84 6.38 6.30
C HIS B 35 0.56 5.54 6.27
N LYS B 36 -0.09 5.46 5.10
CA LYS B 36 -1.31 4.67 4.98
C LYS B 36 -1.04 3.18 5.23
N VAL B 37 0.12 2.68 4.78
CA VAL B 37 0.46 1.28 5.03
C VAL B 37 0.57 1.01 6.53
N LEU B 38 1.23 1.91 7.27
CA LEU B 38 1.34 1.73 8.71
C LEU B 38 -0.04 1.73 9.37
N GLU B 39 -0.91 2.64 8.94
CA GLU B 39 -2.25 2.74 9.50
C GLU B 39 -3.07 1.48 9.18
N LEU B 40 -3.02 1.03 7.93
CA LEU B 40 -3.78 -0.16 7.53
C LEU B 40 -3.22 -1.43 8.18
N THR B 41 -1.92 -1.47 8.45
CA THR B 41 -1.34 -2.61 9.14
C THR B 41 -1.82 -2.68 10.57
N ALA B 42 -1.91 -1.53 11.25
CA ALA B 42 -2.44 -1.50 12.60
C ALA B 42 -3.90 -1.94 12.63
N GLU B 43 -4.69 -1.49 11.66
CA GLU B 43 -6.09 -1.90 11.59
C GLU B 43 -6.21 -3.38 11.29
N ASN B 44 -5.35 -3.88 10.39
CA ASN B 44 -5.34 -5.31 10.08
C ASN B 44 -5.05 -6.16 11.31
N GLU B 45 -4.08 -5.75 12.12
CA GLU B 45 -3.76 -6.50 13.33
C GLU B 45 -4.93 -6.47 14.32
N ARG B 46 -5.59 -5.31 14.44
CA ARG B 46 -6.77 -5.21 15.29
C ARG B 46 -7.86 -6.17 14.81
N LEU B 47 -8.09 -6.22 13.49
CA LEU B 47 -9.14 -7.09 12.96
C LEU B 47 -8.77 -8.56 13.10
N GLN B 48 -7.50 -8.91 12.89
CA GLN B 48 -7.09 -10.31 13.07
C GLN B 48 -7.34 -10.77 14.50
N LYS B 49 -7.03 -9.91 15.47
CA LYS B 49 -7.28 -10.26 16.86
C LYS B 49 -8.76 -10.46 17.13
N LYS B 50 -9.61 -9.59 16.56
CA LYS B 50 -11.05 -9.70 16.79
C LYS B 50 -11.62 -10.96 16.15
N VAL B 51 -11.17 -11.28 14.93
CA VAL B 51 -11.63 -12.49 14.27
C VAL B 51 -11.23 -13.72 15.09
N GLU B 52 -9.99 -13.75 15.60
CA GLU B 52 -9.55 -14.90 16.38
C GLU B 52 -10.37 -15.04 17.65
N GLN B 53 -10.59 -13.93 18.36
CA GLN B 53 -11.38 -13.96 19.59
C GLN B 53 -12.79 -14.48 19.33
N LEU B 54 -13.46 -13.94 18.31
CA LEU B 54 -14.82 -14.36 18.01
C LEU B 54 -14.87 -15.80 17.52
N SER B 55 -13.86 -16.23 16.75
CA SER B 55 -13.81 -17.62 16.30
C SER B 55 -13.73 -18.58 17.48
N ARG B 56 -12.90 -18.26 18.48
CA ARG B 56 -12.79 -19.10 19.68
C ARG B 56 -14.09 -19.09 20.46
N GLU B 57 -14.70 -17.93 20.60
CA GLU B 57 -15.97 -17.80 21.32
C GLU B 57 -17.04 -18.64 20.65
N LEU B 58 -17.09 -18.63 19.32
CA LEU B 58 -18.07 -19.41 18.59
C LEU B 58 -17.80 -20.89 18.71
N SER B 59 -16.53 -21.29 18.64
CA SER B 59 -16.19 -22.71 18.71
C SER B 59 -16.56 -23.31 20.06
N THR B 60 -16.28 -22.59 21.14
CA THR B 60 -16.62 -23.11 22.45
C THR B 60 -18.14 -23.16 22.65
N LEU B 61 -18.87 -22.18 22.13
CA LEU B 61 -20.32 -22.20 22.28
C LEU B 61 -20.96 -23.33 21.48
N ARG B 62 -20.46 -23.55 20.26
CA ARG B 62 -20.95 -24.68 19.47
C ARG B 62 -20.67 -26.00 20.17
N ASN B 63 -19.50 -26.13 20.79
CA ASN B 63 -19.20 -27.36 21.52
C ASN B 63 -20.14 -27.55 22.71
N LEU B 64 -20.50 -26.46 23.39
CA LEU B 64 -21.47 -26.57 24.47
C LEU B 64 -22.79 -27.13 23.98
N PHE B 65 -23.28 -26.62 22.84
CA PHE B 65 -24.56 -27.12 22.32
C PHE B 65 -24.45 -28.55 21.85
N LYS B 66 -23.27 -28.95 21.36
CA LYS B 66 -23.08 -30.33 20.89
C LYS B 66 -23.24 -31.34 22.02
N GLN B 67 -22.83 -30.98 23.23
CA GLN B 67 -22.95 -31.87 24.38
C GLN B 67 -24.38 -31.99 24.89
N LEU B 68 -25.35 -31.35 24.25
CA LEU B 68 -26.74 -31.43 24.67
C LEU B 68 -27.37 -32.74 24.21
N PRO B 69 -28.08 -33.46 25.09
CA PRO B 69 -28.84 -34.63 24.64
C PRO B 69 -29.93 -34.24 23.66
N GLU B 70 -30.26 -35.18 22.78
CA GLU B 70 -31.29 -34.96 21.76
C GLU B 70 -32.68 -34.86 22.38
C1 EDO E . -23.85 -13.46 26.66
O1 EDO E . -23.98 -12.39 27.62
C2 EDO E . -25.20 -14.12 26.48
O2 EDO E . -25.13 -15.49 26.91
C1 EDO F . 12.53 4.96 -14.27
O1 EDO F . 11.54 3.97 -14.59
C2 EDO F . 12.27 6.21 -15.09
O2 EDO F . 13.30 7.17 -14.81
C1 EDO G . 6.64 23.36 -5.81
O1 EDO G . 7.89 22.81 -6.27
C2 EDO G . 6.51 23.20 -4.30
O2 EDO G . 6.26 21.81 -3.97
C1 EDO H . -13.58 -14.73 23.08
O1 EDO H . -12.31 -15.29 22.74
C2 EDO H . -13.60 -13.25 22.71
O2 EDO H . -14.76 -12.97 21.91
C1 EDO I . 16.88 18.68 -2.74
O1 EDO I . 17.51 19.96 -2.82
C2 EDO I . 17.20 18.02 -1.40
O2 EDO I . 16.79 16.65 -1.43
#